data_4RGW
#
_entry.id   4RGW
#
_cell.length_a   83.224
_cell.length_b   94.542
_cell.length_c   101.820
_cell.angle_alpha   90.00
_cell.angle_beta   90.00
_cell.angle_gamma   90.00
#
_symmetry.space_group_name_H-M   'P 21 21 21'
#
loop_
_entity.id
_entity.type
_entity.pdbx_description
1 polymer 'Transcription initiation factor TFIID subunit 1'
2 polymer 'Transcription initiation factor TFIID subunit 7'
3 non-polymer GLYCEROL
4 water water
#
loop_
_entity_poly.entity_id
_entity_poly.type
_entity_poly.pdbx_seq_one_letter_code
_entity_poly.pdbx_strand_id
1 'polypeptide(L)'
;SGLRGTFGGNIIQHSIPAVELRQPFFPTHMGPIKLRQFHRPPLKKYSFGALSQPGPHSVQPLLKHIKKKAKMREQERQAS
GGGEMFFMRTPQDLTGKDGDLILAEYSEENGPLMMQVGMATKIKNYYKRKPGKDPGAPDCKYGETVYCHTSPFLGSLHPG
QLLQAFENNLFRAPIYLHKMPETDFLIIRTRQGYYIRELVDIFVVGQQCPLFEVPGPNSKRANTHIRDFLQVFIYRLFWK
SKDRPRRIRMEDIKKAFPSHSESSIRKRLKLCADFKRTGMDSNWWVLKSDFRLPTEEEIRAMVSPEQCCAYYSMIAAEQR
LKDAGYGEKSFFAPEEENEEDFQMKIDDEVRTAPWNTTRAFIAAMKGKCLLEVTGVADPTGCGEGFSYVKIPNKPTQQKD
DKEPQPVKKTVTGTDADLRRLSLKNAKQLLRKFGVPEEEIKKLSRWEVIDVVRTMSTEQARSGEGPMSKFARGSRFSVAE
HQERYKEECQRIFDLQNKVLSSTEVL(SEP)(TPO)DTDSSSAEDSDFEEMGKNIENMLQNKKTSSQLSREREEQERKEL
QRMLLAAGSAASGNNHRDDDTASVTSLNSSATGRCLKIYRTFRDEEGKEYVRCETVRKPAVIDAYVRIRTTKDEEFIRKF
ALFDEQ
;
A
2 'polypeptide(L)'
;SMSKSKDDAPHELESQFILRLPPEYASTVRRAVQSGHVNLKDRLTIELHPDGRHGIVRVDRVPLASKLVDLPCVMESLKT
IDKKTFYKTADICQMLVSTVDGDLYPPVEEPVASTDPKASKKKDKDKEKKFIWNHGITLPLKNVRKRRFRKTAKKKYIES
PDVEKEVKRLLSTDAEAVSTRWEIIAEDETKEAENQGLDISSPGMSGHRQGHDSLEHDELREIFNDLSSSSEDEDETQHQ
DEEDINIIDTEEDLERQLQDKLNESDEQHQENEGTNQLVMGIQKQIDNMKGKLQETQDRAKRQEDLIMKVENLALKNRFQ
AVLDELKQKEDREKEQLSSLQEELESLLEK
;
B
#
loop_
_chem_comp.id
_chem_comp.type
_chem_comp.name
_chem_comp.formula
GOL non-polymer GLYCEROL 'C3 H8 O3'
#
# COMPACT_ATOMS: atom_id res chain seq x y z
N ILE A 11 6.89 -18.41 -2.00
CA ILE A 11 6.72 -18.34 -0.55
C ILE A 11 6.98 -16.93 0.02
N ILE A 12 5.94 -16.34 0.61
CA ILE A 12 6.05 -15.00 1.17
C ILE A 12 6.16 -15.04 2.68
N GLN A 13 7.16 -14.37 3.23
CA GLN A 13 7.28 -14.29 4.66
C GLN A 13 7.10 -12.84 5.08
N HIS A 14 5.97 -12.52 5.69
CA HIS A 14 5.71 -11.15 6.12
C HIS A 14 6.52 -10.83 7.37
N SER A 15 6.60 -9.54 7.70
CA SER A 15 7.24 -9.11 8.93
C SER A 15 6.45 -9.64 10.12
N ILE A 16 7.13 -9.73 11.25
CA ILE A 16 6.47 -10.18 12.48
C ILE A 16 5.26 -9.32 12.90
N PRO A 17 5.38 -7.97 12.84
CA PRO A 17 4.19 -7.21 13.26
C PRO A 17 2.97 -7.48 12.38
N ALA A 18 3.21 -7.79 11.11
CA ALA A 18 2.10 -8.05 10.19
C ALA A 18 1.54 -9.44 10.43
N VAL A 19 2.44 -10.41 10.55
CA VAL A 19 2.05 -11.79 10.81
C VAL A 19 1.23 -11.87 12.10
N GLU A 20 1.56 -11.01 13.06
CA GLU A 20 0.84 -10.95 14.33
C GLU A 20 -0.37 -10.02 14.28
N LEU A 21 -0.67 -9.45 13.10
CA LEU A 21 -1.82 -8.55 12.96
C LEU A 21 -1.88 -7.47 14.06
N ARG A 22 -0.72 -6.87 14.35
CA ARG A 22 -0.63 -5.80 15.34
C ARG A 22 -1.28 -4.50 14.82
N GLN A 23 -1.80 -3.70 15.75
CA GLN A 23 -2.23 -2.33 15.44
C GLN A 23 -0.98 -1.46 15.58
N PRO A 24 -0.87 -0.37 14.80
CA PRO A 24 -1.84 0.14 13.83
C PRO A 24 -1.66 -0.44 12.42
N PHE A 25 -0.79 -1.44 12.25
CA PHE A 25 -0.58 -1.99 10.92
C PHE A 25 -1.85 -2.62 10.37
N PHE A 26 -2.63 -3.25 11.27
CA PHE A 26 -3.90 -3.84 10.89
C PHE A 26 -5.03 -3.27 11.74
N PRO A 27 -5.64 -2.17 11.27
CA PRO A 27 -6.71 -1.52 12.03
C PRO A 27 -7.85 -2.49 12.36
N THR A 28 -8.46 -2.32 13.53
CA THR A 28 -9.53 -3.20 13.97
C THR A 28 -10.87 -2.70 13.46
N HIS A 29 -10.96 -1.39 13.28
CA HIS A 29 -12.16 -0.74 12.78
C HIS A 29 -11.78 0.46 11.95
N MET A 30 -12.55 0.73 10.89
CA MET A 30 -12.41 1.97 10.13
C MET A 30 -13.77 2.63 9.87
N GLY A 31 -13.93 3.88 10.28
CA GLY A 31 -15.16 4.62 9.99
C GLY A 31 -15.17 5.08 8.54
N PRO A 32 -16.29 5.67 8.10
CA PRO A 32 -16.48 6.15 6.73
C PRO A 32 -15.31 7.01 6.26
N ILE A 33 -14.89 7.96 7.07
CA ILE A 33 -13.77 8.84 6.70
C ILE A 33 -12.49 8.04 6.43
N LYS A 34 -12.13 7.13 7.33
CA LYS A 34 -10.94 6.29 7.12
C LYS A 34 -11.07 5.41 5.88
N LEU A 35 -12.27 4.96 5.58
CA LEU A 35 -12.51 4.11 4.42
C LEU A 35 -12.31 4.87 3.11
N ARG A 36 -12.79 6.12 3.09
CA ARG A 36 -12.57 7.03 1.97
C ARG A 36 -11.09 7.35 1.79
N GLN A 37 -10.37 7.46 2.91
CA GLN A 37 -8.94 7.75 2.88
C GLN A 37 -8.06 6.49 2.89
N PHE A 38 -8.65 5.33 2.60
CA PHE A 38 -7.92 4.06 2.72
C PHE A 38 -6.69 4.04 1.84
N HIS A 39 -5.54 3.81 2.47
CA HIS A 39 -4.24 3.87 1.78
C HIS A 39 -3.89 5.26 1.25
N ARG A 40 -4.63 6.28 1.68
CA ARG A 40 -4.21 7.66 1.47
C ARG A 40 -4.32 8.47 2.78
N PRO A 41 -3.46 8.16 3.77
CA PRO A 41 -3.51 8.89 5.04
C PRO A 41 -3.07 10.33 4.91
N PRO A 42 -3.90 11.26 5.36
CA PRO A 42 -3.43 12.65 5.23
C PRO A 42 -2.49 12.98 6.39
N LEU A 43 -1.53 13.87 6.16
CA LEU A 43 -0.74 14.47 7.25
C LEU A 43 -1.72 15.00 8.29
N LYS A 44 -1.61 14.52 9.52
CA LYS A 44 -2.41 15.10 10.62
C LYS A 44 -1.49 15.72 11.67
N LYS A 45 -1.92 16.87 12.20
CA LYS A 45 -1.13 17.62 13.17
C LYS A 45 -0.91 16.83 14.45
N TYR A 46 0.29 16.95 15.02
CA TYR A 46 0.58 16.33 16.31
C TYR A 46 0.11 17.21 17.47
N SER A 47 -0.36 16.58 18.54
CA SER A 47 -0.84 17.30 19.73
C SER A 47 0.27 17.56 20.73
N PHE A 48 1.35 16.78 20.62
CA PHE A 48 2.47 16.91 21.54
C PHE A 48 3.71 16.40 20.84
N GLY A 49 4.87 16.64 21.43
CA GLY A 49 6.13 16.24 20.80
C GLY A 49 6.68 17.39 19.98
N ALA A 50 7.92 17.25 19.51
CA ALA A 50 8.64 18.36 18.88
C ALA A 50 7.87 19.01 17.73
N LEU A 51 7.28 18.19 16.87
CA LEU A 51 6.61 18.71 15.67
C LEU A 51 5.17 19.16 15.92
N SER A 52 4.73 19.17 17.18
CA SER A 52 3.46 19.80 17.52
C SER A 52 3.66 21.31 17.70
N GLN A 53 4.92 21.73 17.76
CA GLN A 53 5.27 23.14 17.99
C GLN A 53 5.29 23.92 16.68
N PRO A 54 5.04 25.23 16.78
CA PRO A 54 5.00 26.07 15.56
C PRO A 54 6.39 26.39 15.06
N GLY A 55 6.49 26.90 13.84
CA GLY A 55 7.76 27.33 13.30
C GLY A 55 8.48 26.25 12.51
N PRO A 56 9.69 26.58 12.04
CA PRO A 56 10.55 25.69 11.25
C PRO A 56 11.08 24.53 12.09
N HIS A 57 11.21 23.38 11.44
CA HIS A 57 11.80 22.23 12.10
C HIS A 57 12.84 21.62 11.18
N SER A 58 13.96 21.21 11.76
CA SER A 58 15.07 20.61 11.03
C SER A 58 14.67 19.37 10.24
N VAL A 59 15.22 19.24 9.04
CA VAL A 59 15.10 18.01 8.26
C VAL A 59 16.46 17.28 8.37
N GLN A 60 16.48 16.09 8.94
CA GLN A 60 17.76 15.45 9.30
C GLN A 60 18.30 14.47 8.25
N PRO A 61 19.63 14.41 8.09
CA PRO A 61 20.24 13.46 7.16
C PRO A 61 20.22 12.03 7.70
N LEU A 62 20.14 11.04 6.81
CA LEU A 62 20.08 9.65 7.25
C LEU A 62 21.31 8.83 6.81
N LEU A 63 22.20 9.42 6.02
CA LEU A 63 23.29 8.65 5.42
C LEU A 63 24.10 7.81 6.42
N LYS A 64 24.56 8.43 7.50
CA LYS A 64 25.34 7.68 8.50
C LYS A 64 24.51 6.58 9.13
N HIS A 65 23.24 6.88 9.41
CA HIS A 65 22.33 5.86 9.94
C HIS A 65 22.07 4.70 8.96
N ILE A 66 21.87 5.02 7.68
CA ILE A 66 21.63 3.99 6.66
C ILE A 66 22.82 3.00 6.54
N LYS A 67 24.02 3.55 6.42
CA LYS A 67 25.23 2.73 6.38
C LYS A 67 25.40 1.86 7.62
N LYS A 68 25.23 2.48 8.79
CA LYS A 68 25.38 1.76 10.05
C LYS A 68 24.42 0.56 10.15
N LYS A 69 23.14 0.77 9.80
CA LYS A 69 22.17 -0.33 9.89
C LYS A 69 22.47 -1.45 8.91
N ALA A 70 22.84 -1.10 7.68
CA ALA A 70 23.27 -2.11 6.72
C ALA A 70 24.46 -2.91 7.28
N LYS A 71 25.45 -2.21 7.82
CA LYS A 71 26.60 -2.84 8.46
C LYS A 71 26.22 -3.76 9.63
N MET A 72 25.45 -3.24 10.59
CA MET A 72 24.97 -4.07 11.71
C MET A 72 24.25 -5.35 11.23
N ARG A 73 23.34 -5.19 10.27
CA ARG A 73 22.59 -6.32 9.73
C ARG A 73 23.50 -7.39 9.10
N GLU A 74 24.49 -6.96 8.33
CA GLU A 74 25.43 -7.88 7.70
C GLU A 74 26.28 -8.63 8.72
N GLN A 75 26.62 -7.95 9.82
CA GLN A 75 27.42 -8.59 10.87
C GLN A 75 26.60 -9.65 11.60
N GLU A 76 25.33 -9.34 11.83
CA GLU A 76 24.42 -10.28 12.47
C GLU A 76 24.28 -11.50 11.56
N ARG A 77 24.32 -11.25 10.26
CA ARG A 77 24.28 -12.31 9.25
C ARG A 77 25.49 -13.24 9.33
N GLN A 78 26.68 -12.63 9.43
CA GLN A 78 27.93 -13.38 9.46
C GLN A 78 28.14 -14.03 10.82
N ALA A 79 27.44 -13.52 11.83
CA ALA A 79 27.57 -14.04 13.18
C ALA A 79 26.68 -15.26 13.46
N SER A 80 26.07 -15.83 12.42
CA SER A 80 25.25 -17.03 12.60
C SER A 80 25.00 -18.02 11.43
N GLY A 81 25.98 -18.30 10.57
CA GLY A 81 27.29 -17.71 10.49
C GLY A 81 27.47 -17.39 9.03
N GLY A 82 26.34 -17.16 8.37
CA GLY A 82 26.29 -16.92 6.95
C GLY A 82 24.92 -17.33 6.46
N GLY A 83 24.66 -17.16 5.17
CA GLY A 83 23.42 -17.63 4.61
C GLY A 83 22.32 -16.60 4.65
N GLU A 84 21.11 -17.05 4.93
CA GLU A 84 19.94 -16.18 4.84
C GLU A 84 19.45 -15.81 6.22
N MET A 85 19.17 -14.54 6.42
CA MET A 85 18.58 -14.06 7.66
C MET A 85 17.27 -13.37 7.38
N PHE A 86 16.37 -13.40 8.36
CA PHE A 86 15.14 -12.64 8.32
C PHE A 86 15.30 -11.47 9.28
N PHE A 87 15.10 -10.26 8.79
CA PHE A 87 15.41 -9.05 9.58
C PHE A 87 14.20 -8.26 10.10
N MET A 88 13.01 -8.55 9.56
CA MET A 88 11.83 -7.74 9.86
C MET A 88 11.04 -8.25 11.07
N ARG A 89 11.64 -8.12 12.26
CA ARG A 89 11.08 -8.73 13.47
C ARG A 89 10.30 -7.79 14.38
N THR A 90 10.56 -6.48 14.27
CA THR A 90 9.98 -5.50 15.18
C THR A 90 9.42 -4.35 14.36
N PRO A 91 8.49 -3.57 14.94
CA PRO A 91 7.96 -2.43 14.19
C PRO A 91 9.08 -1.46 13.77
N GLN A 92 10.11 -1.36 14.60
CA GLN A 92 11.27 -0.52 14.31
C GLN A 92 12.00 -0.94 13.04
N ASP A 93 12.01 -2.24 12.74
CA ASP A 93 12.65 -2.72 11.50
C ASP A 93 11.91 -2.29 10.24
N LEU A 94 10.67 -1.81 10.39
CA LEU A 94 9.83 -1.43 9.24
C LEU A 94 9.98 0.03 8.82
N THR A 95 10.77 0.80 9.55
CA THR A 95 10.96 2.22 9.25
C THR A 95 11.54 2.45 7.84
N GLY A 96 11.20 3.60 7.25
CA GLY A 96 11.77 3.98 5.97
C GLY A 96 13.18 4.53 6.17
N LYS A 97 13.60 4.68 7.43
CA LYS A 97 14.85 5.33 7.77
C LYS A 97 16.10 4.53 7.40
N ASP A 98 15.95 3.23 7.16
CA ASP A 98 17.10 2.44 6.72
C ASP A 98 16.72 1.35 5.72
N GLY A 99 17.72 0.59 5.25
CA GLY A 99 17.52 -0.37 4.16
C GLY A 99 17.48 0.36 2.84
N ASP A 100 17.55 -0.39 1.74
CA ASP A 100 17.36 0.21 0.43
C ASP A 100 15.87 0.40 0.20
N LEU A 101 15.50 1.51 -0.43
CA LEU A 101 14.11 1.88 -0.60
C LEU A 101 13.74 2.00 -2.06
N ILE A 102 12.55 1.52 -2.44
CA ILE A 102 11.98 1.88 -3.75
C ILE A 102 10.61 2.50 -3.53
N LEU A 103 10.14 3.25 -4.53
CA LEU A 103 8.75 3.72 -4.56
C LEU A 103 7.98 2.92 -5.59
N ALA A 104 6.69 2.68 -5.31
CA ALA A 104 5.81 2.08 -6.29
C ALA A 104 4.55 2.93 -6.41
N GLU A 105 4.25 3.40 -7.61
CA GLU A 105 3.08 4.24 -7.84
C GLU A 105 2.02 3.43 -8.57
N TYR A 106 0.86 3.23 -7.93
CA TYR A 106 -0.19 2.38 -8.51
C TYR A 106 -1.06 3.11 -9.53
N SER A 107 -1.09 2.59 -10.75
CA SER A 107 -1.87 3.18 -11.82
C SER A 107 -3.39 3.03 -11.61
N GLU A 108 -3.83 1.98 -10.88
CA GLU A 108 -5.26 1.85 -10.57
C GLU A 108 -5.57 2.73 -9.38
N GLU A 109 -6.58 3.59 -9.51
CA GLU A 109 -6.98 4.49 -8.44
C GLU A 109 -7.29 3.71 -7.15
N ASN A 110 -8.02 2.60 -7.27
CA ASN A 110 -8.26 1.71 -6.14
C ASN A 110 -8.22 0.24 -6.56
N GLY A 111 -7.02 -0.32 -6.66
CA GLY A 111 -6.87 -1.71 -7.04
C GLY A 111 -7.57 -2.66 -6.09
N PRO A 112 -7.97 -3.83 -6.61
CA PRO A 112 -8.80 -4.74 -5.81
C PRO A 112 -8.16 -5.28 -4.53
N LEU A 113 -6.82 -5.37 -4.47
CA LEU A 113 -6.12 -5.78 -3.25
C LEU A 113 -4.90 -4.90 -3.02
N MET A 114 -4.67 -4.52 -1.77
CA MET A 114 -3.50 -3.72 -1.42
C MET A 114 -2.87 -4.26 -0.15
N MET A 115 -1.55 -4.19 -0.07
CA MET A 115 -0.83 -4.61 1.14
C MET A 115 -0.99 -3.60 2.26
N GLN A 116 -0.88 -4.08 3.50
CA GLN A 116 -0.77 -3.19 4.65
C GLN A 116 0.72 -2.99 4.92
N VAL A 117 1.05 -1.97 5.72
CA VAL A 117 2.43 -1.76 6.13
C VAL A 117 2.91 -2.99 6.89
N GLY A 118 4.09 -3.47 6.55
CA GLY A 118 4.64 -4.64 7.22
C GLY A 118 4.53 -5.91 6.41
N MET A 119 3.72 -5.89 5.35
CA MET A 119 3.64 -7.03 4.45
C MET A 119 4.75 -7.03 3.41
N ALA A 120 5.01 -8.22 2.84
CA ALA A 120 6.10 -8.41 1.91
C ALA A 120 5.59 -8.76 0.52
N THR A 121 6.38 -8.42 -0.48
CA THR A 121 6.10 -8.81 -1.86
C THR A 121 7.43 -9.11 -2.53
N LYS A 122 7.42 -9.96 -3.54
CA LYS A 122 8.61 -10.23 -4.33
C LYS A 122 8.56 -9.46 -5.64
N ILE A 123 9.72 -9.25 -6.26
CA ILE A 123 9.77 -8.80 -7.64
C ILE A 123 10.31 -9.95 -8.49
N LYS A 124 9.55 -10.33 -9.51
CA LYS A 124 9.94 -11.38 -10.43
C LYS A 124 10.23 -10.76 -11.77
N ASN A 125 11.28 -11.22 -12.44
CA ASN A 125 11.61 -10.71 -13.76
C ASN A 125 11.31 -11.77 -14.82
N TYR A 126 10.09 -11.71 -15.36
CA TYR A 126 9.64 -12.72 -16.31
C TYR A 126 10.28 -12.52 -17.67
N TYR A 127 10.94 -13.55 -18.16
CA TYR A 127 11.64 -13.47 -19.43
C TYR A 127 11.25 -14.62 -20.33
N LYS A 128 11.04 -14.35 -21.62
CA LYS A 128 10.82 -15.43 -22.58
C LYS A 128 12.01 -15.57 -23.53
N ARG A 129 12.58 -16.76 -23.57
CA ARG A 129 13.79 -17.00 -24.37
C ARG A 129 13.60 -16.75 -25.86
N LYS A 130 14.64 -16.22 -26.48
CA LYS A 130 14.66 -16.06 -27.93
C LYS A 130 14.81 -17.44 -28.53
N PRO A 131 14.40 -17.61 -29.79
CA PRO A 131 14.49 -18.97 -30.36
C PRO A 131 15.93 -19.36 -30.65
N GLY A 132 16.23 -20.64 -30.45
CA GLY A 132 17.56 -21.15 -30.75
C GLY A 132 18.54 -21.01 -29.60
N LYS A 133 19.51 -20.11 -29.77
CA LYS A 133 20.59 -19.96 -28.80
C LYS A 133 20.39 -18.73 -27.94
N ASP A 134 19.58 -18.85 -26.89
CA ASP A 134 19.35 -17.69 -26.03
C ASP A 134 20.46 -17.55 -24.99
N PRO A 135 21.10 -16.38 -24.95
CA PRO A 135 22.22 -16.11 -24.04
C PRO A 135 21.73 -15.80 -22.63
N GLY A 136 20.42 -15.66 -22.43
CA GLY A 136 19.89 -15.41 -21.11
C GLY A 136 19.21 -14.06 -20.97
N ALA A 137 18.49 -13.88 -19.88
CA ALA A 137 17.76 -12.63 -19.68
C ALA A 137 18.71 -11.48 -19.35
N PRO A 138 18.34 -10.25 -19.71
CA PRO A 138 19.10 -9.08 -19.26
C PRO A 138 19.04 -9.02 -17.75
N ASP A 139 20.04 -8.42 -17.12
CA ASP A 139 20.02 -8.28 -15.67
C ASP A 139 19.20 -7.05 -15.26
N CYS A 140 18.51 -7.12 -14.13
CA CYS A 140 17.86 -5.93 -13.59
C CYS A 140 18.39 -5.65 -12.19
N LYS A 141 18.26 -4.40 -11.75
CA LYS A 141 18.74 -4.00 -10.43
C LYS A 141 17.97 -4.71 -9.33
N TYR A 142 16.69 -5.00 -9.61
CA TYR A 142 15.82 -5.60 -8.61
C TYR A 142 15.22 -6.91 -9.10
N GLY A 143 14.92 -7.81 -8.17
CA GLY A 143 14.14 -8.98 -8.48
C GLY A 143 14.90 -10.19 -9.00
N GLU A 144 14.19 -11.31 -9.05
CA GLU A 144 14.75 -12.58 -9.47
C GLU A 144 14.17 -13.02 -10.82
N THR A 145 15.04 -13.37 -11.76
CA THR A 145 14.64 -13.75 -13.11
C THR A 145 13.86 -15.07 -13.14
N VAL A 146 12.74 -15.07 -13.87
CA VAL A 146 11.97 -16.28 -14.04
C VAL A 146 11.81 -16.56 -15.53
N TYR A 147 12.27 -17.74 -15.95
CA TYR A 147 12.14 -18.16 -17.33
C TYR A 147 10.79 -18.85 -17.49
N CYS A 148 9.95 -18.29 -18.34
CA CYS A 148 8.59 -18.78 -18.43
C CYS A 148 8.23 -19.12 -19.88
N HIS A 149 7.67 -20.31 -20.05
CA HIS A 149 7.29 -20.78 -21.37
C HIS A 149 5.82 -20.42 -21.55
N THR A 150 5.09 -20.39 -20.44
CA THR A 150 3.69 -19.95 -20.42
C THR A 150 3.57 -18.62 -19.69
N SER A 151 2.65 -17.78 -20.13
CA SER A 151 2.50 -16.46 -19.52
C SER A 151 1.71 -16.48 -18.23
N PRO A 152 2.25 -15.83 -17.19
CA PRO A 152 1.54 -15.57 -15.95
C PRO A 152 0.55 -14.39 -16.08
N PHE A 153 0.50 -13.76 -17.26
CA PHE A 153 -0.44 -12.66 -17.49
C PHE A 153 -1.53 -13.04 -18.50
N LEU A 154 -2.38 -12.09 -18.84
CA LEU A 154 -3.47 -12.29 -19.79
C LEU A 154 -2.97 -12.28 -21.23
N GLY A 155 -1.85 -11.60 -21.46
CA GLY A 155 -1.21 -11.65 -22.77
C GLY A 155 0.07 -12.45 -22.65
N SER A 156 0.65 -12.82 -23.78
CA SER A 156 1.90 -13.58 -23.76
C SER A 156 3.12 -12.71 -23.98
N LEU A 157 4.22 -13.06 -23.32
CA LEU A 157 5.49 -12.43 -23.61
C LEU A 157 5.95 -12.76 -25.03
N HIS A 158 6.59 -11.81 -25.68
CA HIS A 158 7.27 -12.06 -26.96
C HIS A 158 8.67 -12.60 -26.69
N PRO A 159 9.27 -13.30 -27.69
CA PRO A 159 10.62 -13.85 -27.48
C PRO A 159 11.62 -12.74 -27.22
N GLY A 160 12.43 -12.88 -26.18
CA GLY A 160 13.41 -11.86 -25.86
C GLY A 160 12.87 -10.73 -25.01
N GLN A 161 11.60 -10.83 -24.63
CA GLN A 161 10.95 -9.79 -23.82
C GLN A 161 11.12 -10.03 -22.32
N LEU A 162 11.60 -9.01 -21.63
CA LEU A 162 11.68 -9.03 -20.18
C LEU A 162 10.55 -8.17 -19.60
N LEU A 163 9.81 -8.69 -18.63
CA LEU A 163 8.79 -7.90 -17.96
C LEU A 163 8.89 -8.04 -16.44
N GLN A 164 9.11 -6.94 -15.73
CA GLN A 164 9.19 -7.04 -14.27
C GLN A 164 7.80 -7.07 -13.65
N ALA A 165 7.69 -7.66 -12.46
CA ALA A 165 6.38 -7.76 -11.82
C ALA A 165 6.44 -7.92 -10.31
N PHE A 166 5.42 -7.39 -9.63
CA PHE A 166 5.20 -7.68 -8.23
C PHE A 166 4.50 -9.02 -8.15
N GLU A 167 4.87 -9.82 -7.17
CA GLU A 167 4.29 -11.15 -7.04
C GLU A 167 4.12 -11.44 -5.55
N ASN A 168 2.90 -11.74 -5.13
CA ASN A 168 2.66 -12.09 -3.74
C ASN A 168 1.36 -12.89 -3.66
N ASN A 169 0.81 -13.05 -2.47
CA ASN A 169 -0.40 -13.86 -2.35
C ASN A 169 -1.68 -13.08 -2.65
N LEU A 170 -1.59 -11.76 -2.75
CA LEU A 170 -2.77 -10.96 -3.04
C LEU A 170 -2.97 -10.78 -4.54
N PHE A 171 -1.86 -10.50 -5.23
CA PHE A 171 -1.92 -10.16 -6.65
C PHE A 171 -0.56 -10.29 -7.30
N ARG A 172 -0.58 -10.31 -8.62
CA ARG A 172 0.60 -10.18 -9.43
C ARG A 172 0.31 -8.98 -10.31
N ALA A 173 1.32 -8.18 -10.60
CA ALA A 173 1.10 -6.99 -11.40
C ALA A 173 2.38 -6.63 -12.11
N PRO A 174 2.29 -6.28 -13.40
CA PRO A 174 3.50 -5.83 -14.07
C PRO A 174 3.91 -4.52 -13.45
N ILE A 175 5.21 -4.30 -13.36
CA ILE A 175 5.74 -3.03 -12.92
C ILE A 175 6.77 -2.55 -13.93
N TYR A 176 7.03 -1.25 -13.92
CA TYR A 176 7.91 -0.63 -14.90
C TYR A 176 8.84 0.36 -14.21
N LEU A 177 10.14 0.13 -14.28
CA LEU A 177 11.08 0.97 -13.55
C LEU A 177 11.24 2.35 -14.18
N HIS A 178 11.06 3.39 -13.37
CA HIS A 178 11.29 4.77 -13.82
C HIS A 178 12.29 5.51 -12.93
N LYS A 179 12.65 6.73 -13.31
CA LYS A 179 13.56 7.56 -12.50
C LYS A 179 12.76 8.63 -11.76
N MET A 180 13.04 8.78 -10.48
CA MET A 180 12.47 9.85 -9.68
C MET A 180 12.92 11.18 -10.25
N PRO A 181 11.99 12.14 -10.38
CA PRO A 181 12.39 13.47 -10.83
C PRO A 181 13.50 14.06 -9.95
N GLU A 182 14.39 14.85 -10.55
CA GLU A 182 15.51 15.46 -9.85
C GLU A 182 15.09 16.45 -8.77
N THR A 183 13.82 16.83 -8.78
CA THR A 183 13.33 17.83 -7.83
C THR A 183 12.88 17.20 -6.51
N ASP A 184 12.76 15.88 -6.48
CA ASP A 184 11.98 15.20 -5.44
C ASP A 184 12.80 14.38 -4.44
N PHE A 185 12.39 14.43 -3.19
CA PHE A 185 13.03 13.71 -2.10
C PHE A 185 11.95 13.06 -1.28
N LEU A 186 12.33 12.06 -0.49
CA LEU A 186 11.40 11.44 0.45
C LEU A 186 11.59 12.07 1.82
N ILE A 187 10.49 12.57 2.40
CA ILE A 187 10.53 13.07 3.77
C ILE A 187 9.83 12.07 4.68
N ILE A 188 10.53 11.64 5.73
CA ILE A 188 9.92 10.83 6.77
C ILE A 188 9.59 11.74 7.95
N ARG A 189 8.37 11.63 8.47
CA ARG A 189 7.93 12.56 9.50
C ARG A 189 7.47 11.78 10.73
N THR A 190 8.05 12.11 11.87
CA THR A 190 7.62 11.53 13.14
C THR A 190 7.33 12.65 14.10
N ARG A 191 6.74 12.31 15.24
CA ARG A 191 6.52 13.26 16.33
C ARG A 191 7.81 13.99 16.68
N GLN A 192 8.95 13.31 16.54
CA GLN A 192 10.26 13.82 16.98
C GLN A 192 11.02 14.69 15.98
N GLY A 193 10.73 14.55 14.70
CA GLY A 193 11.46 15.30 13.69
C GLY A 193 11.20 14.83 12.27
N TYR A 194 11.79 15.54 11.31
CA TYR A 194 11.74 15.17 9.91
C TYR A 194 13.08 14.52 9.55
N TYR A 195 13.06 13.58 8.61
CA TYR A 195 14.27 13.00 8.05
C TYR A 195 14.10 12.99 6.55
N ILE A 196 15.21 13.00 5.82
CA ILE A 196 15.15 13.06 4.37
C ILE A 196 16.02 11.98 3.75
N ARG A 197 15.51 11.33 2.71
CA ARG A 197 16.31 10.37 1.96
C ARG A 197 16.22 10.68 0.48
N GLU A 198 17.32 10.46 -0.22
CA GLU A 198 17.31 10.43 -1.67
C GLU A 198 16.63 9.12 -2.05
N LEU A 199 15.84 9.17 -3.11
CA LEU A 199 15.16 8.00 -3.64
C LEU A 199 15.17 8.14 -5.14
N VAL A 200 15.83 7.21 -5.86
CA VAL A 200 15.92 7.33 -7.32
C VAL A 200 15.06 6.35 -8.10
N ASP A 201 14.76 5.18 -7.52
CA ASP A 201 14.01 4.15 -8.24
C ASP A 201 12.53 4.16 -7.87
N ILE A 202 11.68 4.43 -8.87
CA ILE A 202 10.25 4.41 -8.65
C ILE A 202 9.60 3.56 -9.73
N PHE A 203 8.80 2.59 -9.32
CA PHE A 203 8.12 1.72 -10.25
C PHE A 203 6.70 2.23 -10.49
N VAL A 204 6.25 2.22 -11.74
CA VAL A 204 4.82 2.31 -12.05
C VAL A 204 4.23 0.91 -11.94
N VAL A 205 3.12 0.75 -11.21
CA VAL A 205 2.43 -0.52 -11.14
C VAL A 205 1.24 -0.52 -12.11
N GLY A 206 1.19 -1.53 -12.96
CA GLY A 206 0.08 -1.69 -13.90
C GLY A 206 -1.11 -2.30 -13.20
N GLN A 207 -2.14 -2.65 -13.95
CA GLN A 207 -3.33 -3.27 -13.37
C GLN A 207 -3.00 -4.59 -12.71
N GLN A 208 -3.67 -4.88 -11.59
CA GLN A 208 -3.46 -6.12 -10.85
C GLN A 208 -4.12 -7.33 -11.49
N CYS A 209 -3.43 -8.47 -11.39
CA CYS A 209 -4.06 -9.78 -11.58
C CYS A 209 -4.29 -10.35 -10.19
N PRO A 210 -5.53 -10.28 -9.71
CA PRO A 210 -5.83 -10.68 -8.31
C PRO A 210 -5.67 -12.18 -8.13
N LEU A 211 -5.01 -12.57 -7.04
CA LEU A 211 -4.80 -13.99 -6.76
C LEU A 211 -5.59 -14.41 -5.53
N PHE A 212 -6.18 -13.41 -4.88
CA PHE A 212 -6.95 -13.65 -3.67
C PHE A 212 -8.35 -13.09 -3.87
N GLU A 213 -9.36 -13.89 -3.54
CA GLU A 213 -10.74 -13.45 -3.72
C GLU A 213 -11.23 -12.52 -2.61
N VAL A 214 -11.75 -11.36 -3.00
CA VAL A 214 -12.36 -10.41 -2.06
C VAL A 214 -13.82 -10.80 -1.79
N PRO A 215 -14.21 -10.90 -0.51
CA PRO A 215 -15.56 -11.35 -0.15
C PRO A 215 -16.59 -10.26 -0.44
N GLY A 216 -17.86 -10.66 -0.56
CA GLY A 216 -18.96 -9.71 -0.71
C GLY A 216 -19.45 -9.24 0.65
N PRO A 217 -20.07 -8.05 0.69
CA PRO A 217 -20.63 -7.52 1.93
C PRO A 217 -21.64 -8.50 2.54
N ASN A 218 -21.54 -8.74 3.84
CA ASN A 218 -22.37 -9.73 4.54
C ASN A 218 -22.42 -11.17 3.99
N SER A 219 -21.39 -11.55 3.26
CA SER A 219 -21.20 -12.95 2.87
C SER A 219 -20.79 -13.77 4.10
N LYS A 220 -20.91 -15.09 4.02
CA LYS A 220 -20.55 -15.93 5.16
C LYS A 220 -19.07 -15.79 5.44
N ARG A 221 -18.30 -15.67 4.36
CA ARG A 221 -16.86 -15.48 4.43
C ARG A 221 -16.53 -14.19 5.22
N ALA A 222 -17.12 -13.05 4.82
CA ALA A 222 -16.91 -11.79 5.54
C ALA A 222 -17.27 -11.87 7.02
N ASN A 223 -18.41 -12.48 7.32
CA ASN A 223 -18.87 -12.57 8.70
C ASN A 223 -18.00 -13.51 9.52
N THR A 224 -17.51 -14.56 8.87
CA THR A 224 -16.59 -15.45 9.55
C THR A 224 -15.28 -14.72 9.84
N HIS A 225 -14.86 -13.86 8.91
CA HIS A 225 -13.60 -13.14 9.10
C HIS A 225 -13.61 -12.16 10.29
N ILE A 226 -14.64 -11.34 10.40
CA ILE A 226 -14.66 -10.33 11.47
C ILE A 226 -14.73 -11.04 12.79
N ARG A 227 -15.54 -12.10 12.82
CA ARG A 227 -15.63 -12.94 14.01
C ARG A 227 -14.24 -13.47 14.43
N ASP A 228 -13.55 -14.13 13.52
CA ASP A 228 -12.22 -14.68 13.81
C ASP A 228 -11.19 -13.61 14.20
N PHE A 229 -11.20 -12.47 13.50
CA PHE A 229 -10.31 -11.35 13.79
C PHE A 229 -10.57 -10.79 15.20
N LEU A 230 -11.85 -10.64 15.54
CA LEU A 230 -12.24 -10.24 16.89
C LEU A 230 -11.71 -11.26 17.90
N GLN A 231 -11.82 -12.53 17.56
CA GLN A 231 -11.37 -13.60 18.46
C GLN A 231 -9.86 -13.49 18.70
N VAL A 232 -9.13 -13.20 17.63
CA VAL A 232 -7.69 -13.06 17.71
C VAL A 232 -7.30 -11.87 18.61
N PHE A 233 -7.99 -10.75 18.42
CA PHE A 233 -7.73 -9.54 19.19
C PHE A 233 -7.96 -9.84 20.68
N ILE A 234 -9.01 -10.58 20.99
CA ILE A 234 -9.30 -10.97 22.36
C ILE A 234 -8.19 -11.82 22.99
N TYR A 235 -7.80 -12.90 22.33
CA TYR A 235 -6.70 -13.75 22.82
C TYR A 235 -5.46 -12.91 23.06
N ARG A 236 -5.13 -12.03 22.12
CA ARG A 236 -3.95 -11.18 22.28
C ARG A 236 -4.10 -10.21 23.46
N LEU A 237 -5.33 -9.83 23.78
CA LEU A 237 -5.54 -8.97 24.96
C LEU A 237 -5.18 -9.74 26.22
N PHE A 238 -5.70 -10.95 26.35
CA PHE A 238 -5.32 -11.83 27.48
C PHE A 238 -3.82 -12.04 27.56
N TRP A 239 -3.16 -12.23 26.42
CA TRP A 239 -1.70 -12.45 26.43
C TRP A 239 -0.93 -11.23 26.92
N LYS A 240 -1.49 -10.04 26.69
CA LYS A 240 -0.84 -8.79 27.06
C LYS A 240 -1.02 -8.49 28.55
N SER A 241 -2.10 -9.02 29.12
CA SER A 241 -2.42 -8.81 30.52
C SER A 241 -1.29 -9.34 31.40
N LYS A 242 -0.86 -8.53 32.37
CA LYS A 242 0.19 -8.95 33.28
C LYS A 242 -0.38 -9.46 34.59
N ASP A 243 -1.69 -9.30 34.75
CA ASP A 243 -2.39 -9.86 35.90
C ASP A 243 -2.44 -11.40 35.87
N ARG A 244 -2.37 -12.01 37.05
CA ARG A 244 -2.54 -13.47 37.19
C ARG A 244 -3.61 -13.78 38.24
N PRO A 245 -4.76 -14.32 37.81
CA PRO A 245 -5.13 -14.77 36.46
C PRO A 245 -5.35 -13.60 35.49
N ARG A 246 -5.04 -13.83 34.22
CA ARG A 246 -5.17 -12.82 33.19
C ARG A 246 -6.58 -12.30 33.11
N ARG A 247 -6.72 -11.03 32.77
CA ARG A 247 -8.03 -10.40 32.73
C ARG A 247 -8.02 -9.23 31.78
N ILE A 248 -9.16 -8.97 31.14
CA ILE A 248 -9.28 -7.87 30.19
C ILE A 248 -10.54 -7.05 30.43
N ARG A 249 -10.59 -5.85 29.89
CA ARG A 249 -11.79 -5.05 30.05
C ARG A 249 -12.61 -4.91 28.77
N MET A 250 -13.91 -5.13 28.90
CA MET A 250 -14.89 -4.97 27.83
C MET A 250 -14.67 -3.67 27.07
N GLU A 251 -14.43 -2.62 27.83
CA GLU A 251 -14.24 -1.27 27.32
C GLU A 251 -13.11 -1.21 26.28
N ASP A 252 -12.06 -2.00 26.48
CA ASP A 252 -10.93 -1.99 25.55
C ASP A 252 -11.32 -2.68 24.25
N ILE A 253 -12.15 -3.71 24.34
CA ILE A 253 -12.62 -4.39 23.13
C ILE A 253 -13.60 -3.50 22.38
N LYS A 254 -14.54 -2.90 23.10
CA LYS A 254 -15.56 -2.03 22.50
C LYS A 254 -14.93 -0.82 21.78
N LYS A 255 -13.88 -0.26 22.38
CA LYS A 255 -13.15 0.83 21.76
C LYS A 255 -12.48 0.41 20.43
N ALA A 256 -12.01 -0.83 20.35
CA ALA A 256 -11.38 -1.32 19.12
C ALA A 256 -12.43 -1.76 18.11
N PHE A 257 -13.58 -2.22 18.60
CA PHE A 257 -14.66 -2.64 17.72
C PHE A 257 -15.99 -1.90 18.00
N PRO A 258 -16.00 -0.57 17.80
CA PRO A 258 -17.16 0.24 18.20
C PRO A 258 -18.46 -0.08 17.48
N SER A 259 -18.41 -0.89 16.42
CA SER A 259 -19.64 -1.24 15.69
C SER A 259 -20.17 -2.60 16.13
N HIS A 260 -19.50 -3.23 17.08
CA HIS A 260 -20.00 -4.47 17.67
C HIS A 260 -20.86 -4.16 18.89
N SER A 261 -21.98 -4.87 19.03
CA SER A 261 -22.77 -4.80 20.26
C SER A 261 -22.05 -5.53 21.38
N GLU A 262 -22.24 -5.05 22.60
CA GLU A 262 -21.67 -5.70 23.78
C GLU A 262 -22.07 -7.18 23.82
N SER A 263 -23.29 -7.48 23.36
CA SER A 263 -23.81 -8.83 23.38
C SER A 263 -23.04 -9.75 22.45
N SER A 264 -22.64 -9.23 21.29
CA SER A 264 -21.89 -10.07 20.35
C SER A 264 -20.46 -10.26 20.84
N ILE A 265 -19.92 -9.28 21.57
CA ILE A 265 -18.60 -9.44 22.18
C ILE A 265 -18.64 -10.46 23.32
N ARG A 266 -19.71 -10.45 24.11
CA ARG A 266 -19.90 -11.45 25.17
C ARG A 266 -19.91 -12.88 24.63
N LYS A 267 -20.33 -13.06 23.38
CA LYS A 267 -20.29 -14.37 22.72
C LYS A 267 -18.85 -14.89 22.60
N ARG A 268 -17.95 -14.02 22.15
CA ARG A 268 -16.57 -14.39 21.92
C ARG A 268 -15.85 -14.67 23.25
N LEU A 269 -16.42 -14.14 24.35
CA LEU A 269 -15.80 -14.18 25.67
C LEU A 269 -16.34 -15.29 26.57
N LYS A 270 -17.49 -15.84 26.21
CA LYS A 270 -18.18 -16.72 27.14
C LYS A 270 -17.50 -18.07 27.31
N LEU A 271 -16.81 -18.53 26.27
CA LEU A 271 -16.08 -19.78 26.35
C LEU A 271 -14.71 -19.69 27.03
N CYS A 272 -14.08 -18.53 27.05
CA CYS A 272 -12.74 -18.48 27.62
C CYS A 272 -12.67 -17.70 28.93
N ALA A 273 -13.72 -16.98 29.29
CA ALA A 273 -13.61 -16.06 30.44
C ALA A 273 -14.87 -15.90 31.30
N ASP A 274 -14.67 -15.39 32.52
CA ASP A 274 -15.76 -15.20 33.47
C ASP A 274 -15.92 -13.73 33.84
N PHE A 275 -17.16 -13.26 33.83
CA PHE A 275 -17.44 -11.88 34.19
C PHE A 275 -17.32 -11.70 35.71
N LYS A 276 -16.46 -10.78 36.13
CA LYS A 276 -16.30 -10.48 37.55
C LYS A 276 -16.84 -9.08 37.86
N ARG A 277 -17.94 -9.03 38.61
CA ARG A 277 -18.60 -7.75 38.91
C ARG A 277 -18.05 -7.07 40.16
N THR A 278 -17.84 -5.76 40.04
CA THR A 278 -17.28 -4.94 41.11
C THR A 278 -18.18 -3.72 41.30
N GLY A 279 -18.10 -3.10 42.47
CA GLY A 279 -18.90 -1.91 42.73
C GLY A 279 -18.29 -0.69 42.07
N MET A 280 -18.39 -0.63 40.75
CA MET A 280 -17.86 0.47 39.93
C MET A 280 -18.19 0.12 38.48
N ASP A 281 -18.53 1.12 37.66
CA ASP A 281 -18.72 0.83 36.24
C ASP A 281 -17.38 0.64 35.51
N SER A 282 -16.67 -0.39 35.96
CA SER A 282 -15.61 -1.03 35.21
C SER A 282 -15.49 -2.41 35.84
N ASN A 283 -15.73 -3.42 35.01
CA ASN A 283 -15.67 -4.79 35.44
C ASN A 283 -14.75 -5.58 34.54
N TRP A 284 -14.32 -6.73 35.02
CA TRP A 284 -13.28 -7.46 34.32
C TRP A 284 -13.78 -8.79 33.81
N TRP A 285 -13.20 -9.22 32.71
CA TRP A 285 -13.39 -10.59 32.25
C TRP A 285 -12.09 -11.33 32.56
N VAL A 286 -12.20 -12.35 33.41
CA VAL A 286 -11.03 -13.06 33.92
C VAL A 286 -10.93 -14.43 33.23
N LEU A 287 -9.75 -14.74 32.74
CA LEU A 287 -9.56 -15.99 32.01
C LEU A 287 -9.86 -17.21 32.88
N LYS A 288 -10.73 -18.11 32.38
CA LYS A 288 -11.05 -19.33 33.11
C LYS A 288 -9.78 -20.16 33.39
N SER A 289 -9.66 -20.67 34.61
CA SER A 289 -8.47 -21.44 35.01
C SER A 289 -8.26 -22.75 34.24
N ASP A 290 -9.33 -23.31 33.70
CA ASP A 290 -9.18 -24.53 32.88
C ASP A 290 -9.16 -24.24 31.36
N PHE A 291 -9.10 -22.97 30.99
CA PHE A 291 -8.97 -22.63 29.57
C PHE A 291 -7.52 -22.38 29.21
N ARG A 292 -7.04 -23.10 28.20
CA ARG A 292 -5.65 -22.98 27.76
C ARG A 292 -5.55 -21.95 26.65
N LEU A 293 -4.77 -20.91 26.89
CA LEU A 293 -4.67 -19.83 25.92
C LEU A 293 -3.89 -20.33 24.70
N PRO A 294 -4.38 -20.04 23.49
CA PRO A 294 -3.70 -20.50 22.27
C PRO A 294 -2.29 -19.96 22.15
N THR A 295 -1.38 -20.76 21.62
CA THR A 295 -0.01 -20.29 21.41
C THR A 295 0.05 -19.20 20.32
N GLU A 296 1.16 -18.48 20.30
CA GLU A 296 1.47 -17.52 19.23
C GLU A 296 1.25 -18.18 17.87
N GLU A 297 1.78 -19.39 17.70
CA GLU A 297 1.70 -20.09 16.42
C GLU A 297 0.25 -20.39 16.06
N GLU A 298 -0.56 -20.76 17.05
CA GLU A 298 -1.95 -21.14 16.81
C GLU A 298 -2.80 -19.92 16.49
N ILE A 299 -2.49 -18.80 17.13
CA ILE A 299 -3.24 -17.57 16.90
C ILE A 299 -3.01 -17.10 15.46
N ARG A 300 -1.74 -17.10 15.03
CA ARG A 300 -1.39 -16.71 13.67
C ARG A 300 -2.14 -17.52 12.63
N ALA A 301 -2.29 -18.82 12.88
CA ALA A 301 -2.99 -19.71 11.95
C ALA A 301 -4.47 -19.37 11.83
N MET A 302 -5.02 -18.64 12.80
CA MET A 302 -6.45 -18.32 12.79
C MET A 302 -6.83 -17.37 11.65
N VAL A 303 -6.02 -16.35 11.44
CA VAL A 303 -6.33 -15.29 10.49
C VAL A 303 -5.02 -14.79 9.91
N SER A 304 -4.96 -14.68 8.58
CA SER A 304 -3.73 -14.24 7.93
C SER A 304 -3.79 -12.77 7.51
N PRO A 305 -2.62 -12.15 7.26
CA PRO A 305 -2.67 -10.76 6.78
C PRO A 305 -3.44 -10.63 5.46
N GLU A 306 -3.34 -11.64 4.60
CA GLU A 306 -4.06 -11.63 3.33
C GLU A 306 -5.57 -11.56 3.54
N GLN A 307 -6.10 -12.35 4.47
CA GLN A 307 -7.53 -12.32 4.76
C GLN A 307 -7.99 -10.96 5.27
N CYS A 308 -7.15 -10.29 6.07
CA CYS A 308 -7.48 -8.93 6.50
C CYS A 308 -7.52 -7.98 5.30
N CYS A 309 -6.54 -8.13 4.39
CA CYS A 309 -6.49 -7.30 3.17
C CYS A 309 -7.72 -7.48 2.28
N ALA A 310 -8.14 -8.72 2.06
CA ALA A 310 -9.39 -9.00 1.34
C ALA A 310 -10.58 -8.30 2.00
N TYR A 311 -10.68 -8.40 3.32
CA TYR A 311 -11.80 -7.81 4.04
C TYR A 311 -11.78 -6.28 3.95
N TYR A 312 -10.61 -5.68 4.19
CA TYR A 312 -10.46 -4.24 4.07
C TYR A 312 -10.92 -3.77 2.69
N SER A 313 -10.54 -4.53 1.66
CA SER A 313 -10.91 -4.16 0.31
C SER A 313 -12.42 -4.04 0.13
N MET A 314 -13.13 -4.99 0.71
CA MET A 314 -14.58 -5.04 0.64
C MET A 314 -15.22 -3.84 1.32
N ILE A 315 -14.90 -3.61 2.59
CA ILE A 315 -15.55 -2.53 3.30
C ILE A 315 -15.23 -1.16 2.72
N ALA A 316 -14.01 -0.98 2.21
CA ALA A 316 -13.66 0.29 1.56
C ALA A 316 -14.50 0.49 0.29
N ALA A 317 -14.59 -0.55 -0.52
CA ALA A 317 -15.39 -0.49 -1.73
C ALA A 317 -16.86 -0.27 -1.39
N GLU A 318 -17.32 -0.90 -0.32
CA GLU A 318 -18.71 -0.80 0.10
C GLU A 318 -18.98 0.64 0.47
N GLN A 319 -18.03 1.27 1.15
CA GLN A 319 -18.21 2.66 1.53
C GLN A 319 -18.28 3.56 0.29
N ARG A 320 -17.39 3.35 -0.69
CA ARG A 320 -17.41 4.16 -1.90
C ARG A 320 -18.71 4.01 -2.68
N LEU A 321 -19.27 2.80 -2.65
CA LEU A 321 -20.55 2.55 -3.33
C LEU A 321 -21.70 3.30 -2.64
N LYS A 322 -21.76 3.24 -1.31
CA LYS A 322 -22.78 3.98 -0.55
C LYS A 322 -22.70 5.45 -0.89
N ASP A 323 -21.49 6.02 -0.80
CA ASP A 323 -21.25 7.42 -1.17
C ASP A 323 -21.77 7.79 -2.57
N ALA A 324 -21.75 6.84 -3.50
CA ALA A 324 -22.19 7.11 -4.87
C ALA A 324 -23.68 6.81 -5.04
N GLY A 325 -24.36 6.53 -3.94
CA GLY A 325 -25.81 6.33 -3.97
C GLY A 325 -26.27 4.90 -4.14
N TYR A 326 -25.35 3.94 -4.21
CA TYR A 326 -25.73 2.54 -4.37
C TYR A 326 -26.01 1.86 -3.02
N GLY A 327 -27.25 1.45 -2.82
CA GLY A 327 -27.65 0.84 -1.58
C GLY A 327 -27.23 -0.62 -1.46
N GLU A 328 -27.44 -1.17 -0.28
CA GLU A 328 -27.07 -2.56 0.01
C GLU A 328 -27.88 -3.53 -0.85
N LYS A 329 -29.04 -3.08 -1.31
CA LYS A 329 -29.91 -3.89 -2.17
C LYS A 329 -29.35 -4.03 -3.60
N SER A 330 -28.37 -3.18 -3.92
CA SER A 330 -27.71 -3.23 -5.23
C SER A 330 -26.57 -4.27 -5.23
N PHE A 331 -26.15 -4.69 -4.03
CA PHE A 331 -25.10 -5.71 -3.90
C PHE A 331 -25.31 -6.64 -2.69
N LYS A 345 -28.42 -7.94 -14.51
CA LYS A 345 -29.35 -7.45 -13.50
C LYS A 345 -28.65 -6.43 -12.60
N ILE A 346 -27.37 -6.20 -12.89
CA ILE A 346 -26.47 -5.49 -11.98
C ILE A 346 -25.91 -4.16 -12.55
N ASP A 347 -25.92 -3.11 -11.74
CA ASP A 347 -25.45 -1.79 -12.17
C ASP A 347 -23.96 -1.82 -12.57
N ASP A 348 -23.59 -0.94 -13.50
CA ASP A 348 -22.22 -0.84 -14.00
C ASP A 348 -21.23 -0.62 -12.86
N GLU A 349 -21.58 0.27 -11.95
CA GLU A 349 -20.67 0.65 -10.88
C GLU A 349 -20.43 -0.53 -9.93
N VAL A 350 -21.48 -1.33 -9.70
CA VAL A 350 -21.38 -2.52 -8.86
C VAL A 350 -20.45 -3.57 -9.51
N ARG A 351 -20.36 -3.55 -10.84
CA ARG A 351 -19.47 -4.50 -11.54
C ARG A 351 -18.01 -4.21 -11.27
N THR A 352 -17.71 -2.97 -10.90
CA THR A 352 -16.34 -2.57 -10.62
C THR A 352 -15.91 -2.97 -9.21
N ALA A 353 -16.85 -3.44 -8.40
CA ALA A 353 -16.54 -3.80 -7.02
C ALA A 353 -15.59 -5.00 -6.97
N PRO A 354 -14.66 -4.99 -6.01
CA PRO A 354 -13.59 -6.00 -5.93
C PRO A 354 -14.12 -7.41 -5.69
N TRP A 355 -15.28 -7.55 -5.06
CA TRP A 355 -15.85 -8.89 -4.94
C TRP A 355 -16.29 -9.44 -6.30
N ASN A 356 -16.64 -8.56 -7.23
CA ASN A 356 -17.02 -9.03 -8.56
C ASN A 356 -15.84 -9.21 -9.50
N THR A 357 -14.95 -8.22 -9.54
CA THR A 357 -13.77 -8.29 -10.39
C THR A 357 -12.80 -9.41 -10.00
N THR A 358 -12.55 -9.60 -8.70
CA THR A 358 -11.63 -10.67 -8.29
C THR A 358 -12.27 -12.03 -8.57
N ARG A 359 -13.54 -12.17 -8.26
CA ARG A 359 -14.26 -13.42 -8.52
C ARG A 359 -14.20 -13.78 -9.99
N ALA A 360 -14.46 -12.78 -10.83
CA ALA A 360 -14.46 -13.01 -12.27
C ALA A 360 -13.08 -13.41 -12.77
N PHE A 361 -12.05 -12.68 -12.34
CA PHE A 361 -10.68 -12.96 -12.79
C PHE A 361 -10.21 -14.35 -12.36
N ILE A 362 -10.46 -14.70 -11.10
CA ILE A 362 -10.00 -15.99 -10.59
C ILE A 362 -10.70 -17.17 -11.27
N ALA A 363 -12.03 -17.06 -11.45
CA ALA A 363 -12.77 -18.06 -12.20
C ALA A 363 -12.17 -18.27 -13.59
N ALA A 364 -11.82 -17.18 -14.25
CA ALA A 364 -11.26 -17.27 -15.60
C ALA A 364 -9.88 -17.92 -15.58
N MET A 365 -9.12 -17.65 -14.53
CA MET A 365 -7.79 -18.24 -14.37
C MET A 365 -7.91 -19.77 -14.23
N LYS A 366 -8.99 -20.23 -13.62
CA LYS A 366 -9.22 -21.66 -13.42
C LYS A 366 -9.94 -22.30 -14.63
N GLY A 367 -10.14 -21.51 -15.69
CA GLY A 367 -10.78 -22.01 -16.89
C GLY A 367 -12.28 -22.19 -16.79
N LYS A 368 -12.89 -21.65 -15.73
CA LYS A 368 -14.33 -21.76 -15.56
C LYS A 368 -15.15 -20.84 -16.49
N CYS A 369 -14.51 -19.84 -17.09
CA CYS A 369 -15.17 -18.87 -17.95
C CYS A 369 -14.14 -18.01 -18.69
N LEU A 370 -14.61 -17.06 -19.48
CA LEU A 370 -13.74 -16.06 -20.07
C LEU A 370 -14.04 -14.68 -19.48
N LEU A 371 -13.26 -13.67 -19.87
CA LEU A 371 -13.51 -12.31 -19.42
C LEU A 371 -13.96 -11.41 -20.57
N GLU A 372 -14.83 -10.47 -20.25
CA GLU A 372 -15.25 -9.40 -21.17
C GLU A 372 -14.04 -8.71 -21.81
N VAL A 373 -13.06 -8.34 -20.96
CA VAL A 373 -11.85 -7.63 -21.38
C VAL A 373 -12.10 -6.16 -21.79
N THR A 374 -12.96 -5.98 -22.77
CA THR A 374 -13.41 -4.66 -23.18
C THR A 374 -14.76 -4.46 -22.50
N GLY A 375 -14.85 -3.45 -21.64
CA GLY A 375 -16.08 -3.25 -20.88
C GLY A 375 -15.99 -2.20 -19.79
N VAL A 376 -17.07 -2.09 -19.02
CA VAL A 376 -17.27 -0.99 -18.09
C VAL A 376 -16.35 -1.06 -16.87
N ALA A 377 -15.78 -2.23 -16.61
CA ALA A 377 -14.92 -2.39 -15.45
C ALA A 377 -13.43 -2.12 -15.75
N ASP A 378 -13.11 -1.64 -16.95
CA ASP A 378 -11.76 -1.19 -17.29
C ASP A 378 -11.39 0.00 -16.39
N PRO A 379 -10.44 -0.21 -15.47
CA PRO A 379 -10.14 0.81 -14.45
C PRO A 379 -9.51 2.07 -15.01
N THR A 380 -8.93 2.02 -16.21
CA THR A 380 -8.35 3.23 -16.80
C THR A 380 -9.37 4.13 -17.49
N GLY A 381 -10.54 3.58 -17.80
CA GLY A 381 -11.56 4.33 -18.54
C GLY A 381 -11.20 4.63 -19.99
N CYS A 382 -10.01 4.22 -20.43
CA CYS A 382 -9.55 4.61 -21.78
C CYS A 382 -8.97 3.48 -22.62
N GLY A 383 -9.23 2.23 -22.24
CA GLY A 383 -8.86 1.10 -23.08
C GLY A 383 -7.46 0.55 -22.84
N GLU A 384 -6.81 1.01 -21.78
CA GLU A 384 -5.47 0.54 -21.48
C GLU A 384 -5.49 -0.37 -20.27
N GLY A 385 -6.65 -0.92 -19.96
CA GLY A 385 -6.80 -1.81 -18.84
C GLY A 385 -7.87 -2.83 -19.17
N PHE A 386 -8.01 -3.86 -18.33
CA PHE A 386 -8.91 -4.97 -18.61
C PHE A 386 -10.18 -4.87 -17.80
N SER A 387 -11.31 -5.21 -18.41
CA SER A 387 -12.59 -5.30 -17.73
C SER A 387 -12.81 -6.72 -17.22
N TYR A 388 -12.70 -6.92 -15.91
CA TYR A 388 -12.88 -8.25 -15.32
C TYR A 388 -14.37 -8.55 -15.09
N VAL A 389 -15.04 -9.03 -16.14
CA VAL A 389 -16.46 -9.42 -16.07
C VAL A 389 -16.62 -10.75 -16.79
N LYS A 390 -17.27 -11.71 -16.12
CA LYS A 390 -17.41 -13.07 -16.65
C LYS A 390 -18.21 -13.09 -17.95
N ILE A 391 -17.67 -13.77 -18.97
CA ILE A 391 -18.45 -14.23 -20.12
C ILE A 391 -18.24 -15.75 -20.25
N PRO A 392 -19.27 -16.47 -20.72
CA PRO A 392 -19.19 -17.94 -20.81
C PRO A 392 -18.10 -18.44 -21.77
N ASN A 393 -17.69 -19.70 -21.60
CA ASN A 393 -16.75 -20.32 -22.53
C ASN A 393 -17.32 -20.57 -23.94
N LYS A 394 -18.65 -20.49 -24.06
CA LYS A 394 -19.36 -20.57 -25.35
C LYS A 394 -18.70 -19.76 -26.47
N SER A 477 -15.62 -22.28 -34.73
CA SER A 477 -16.28 -21.07 -34.25
C SER A 477 -16.13 -20.92 -32.75
N VAL A 478 -15.79 -22.03 -32.08
CA VAL A 478 -15.48 -21.97 -30.65
C VAL A 478 -13.96 -21.97 -30.50
N ALA A 479 -13.29 -22.19 -31.63
CA ALA A 479 -11.85 -21.98 -31.72
C ALA A 479 -11.63 -20.52 -32.08
N GLU A 480 -12.60 -19.93 -32.76
CA GLU A 480 -12.54 -18.51 -33.09
C GLU A 480 -12.92 -17.67 -31.86
N HIS A 481 -13.83 -18.20 -31.06
CA HIS A 481 -14.28 -17.52 -29.85
C HIS A 481 -13.12 -17.33 -28.86
N GLN A 482 -12.32 -18.38 -28.68
CA GLN A 482 -11.19 -18.28 -27.77
C GLN A 482 -10.00 -17.54 -28.39
N GLU A 483 -9.83 -17.65 -29.69
CA GLU A 483 -8.76 -16.93 -30.37
C GLU A 483 -9.00 -15.41 -30.32
N ARG A 484 -10.27 -15.01 -30.36
CA ARG A 484 -10.62 -13.60 -30.26
C ARG A 484 -10.40 -13.05 -28.86
N TYR A 485 -10.68 -13.88 -27.87
CA TYR A 485 -10.40 -13.52 -26.49
C TYR A 485 -8.88 -13.31 -26.31
N LYS A 486 -8.07 -14.25 -26.77
CA LYS A 486 -6.61 -14.13 -26.65
C LYS A 486 -6.05 -12.94 -27.41
N GLU A 487 -6.57 -12.71 -28.62
CA GLU A 487 -6.17 -11.58 -29.44
C GLU A 487 -6.38 -10.26 -28.70
N GLU A 488 -7.58 -10.08 -28.15
CA GLU A 488 -7.93 -8.87 -27.42
C GLU A 488 -7.09 -8.72 -26.15
N CYS A 489 -6.97 -9.79 -25.39
CA CYS A 489 -6.08 -9.79 -24.22
C CYS A 489 -4.69 -9.34 -24.61
N GLN A 490 -4.17 -9.94 -25.66
CA GLN A 490 -2.83 -9.65 -26.14
C GLN A 490 -2.67 -8.17 -26.48
N ARG A 491 -3.63 -7.62 -27.22
CA ARG A 491 -3.55 -6.21 -27.63
C ARG A 491 -3.48 -5.26 -26.41
N ILE A 492 -4.33 -5.49 -25.41
CA ILE A 492 -4.37 -4.63 -24.24
C ILE A 492 -3.13 -4.82 -23.37
N PHE A 493 -2.70 -6.08 -23.25
CA PHE A 493 -1.47 -6.42 -22.57
C PHE A 493 -0.29 -5.64 -23.16
N ASP A 494 -0.17 -5.63 -24.48
CA ASP A 494 0.93 -4.92 -25.14
C ASP A 494 0.79 -3.42 -25.01
N LEU A 495 -0.45 -2.91 -25.11
CA LEU A 495 -0.72 -1.49 -24.97
C LEU A 495 -0.28 -0.97 -23.59
N GLN A 496 -0.71 -1.66 -22.54
CA GLN A 496 -0.33 -1.29 -21.17
C GLN A 496 1.19 -1.24 -20.99
N ASN A 497 1.88 -2.31 -21.39
CA ASN A 497 3.35 -2.34 -21.28
C ASN A 497 4.03 -1.19 -21.99
N LYS A 498 3.52 -0.85 -23.16
CA LYS A 498 4.13 0.21 -23.96
C LYS A 498 3.90 1.60 -23.35
N VAL A 499 2.67 1.86 -22.91
CA VAL A 499 2.34 3.17 -22.30
C VAL A 499 2.98 3.38 -20.94
N LEU A 500 2.99 2.35 -20.11
CA LEU A 500 3.50 2.51 -18.76
C LEU A 500 5.03 2.46 -18.69
N SER A 501 5.69 1.90 -19.72
CA SER A 501 7.16 1.88 -19.76
C SER A 501 7.74 3.09 -20.46
N SER A 502 6.88 3.83 -21.16
CA SER A 502 7.33 4.96 -21.98
C SER A 502 7.82 6.17 -21.18
N THR A 503 8.93 6.75 -21.63
CA THR A 503 9.46 7.96 -20.99
C THR A 503 9.06 9.25 -21.70
N GLU A 504 8.12 9.15 -22.64
CA GLU A 504 7.60 10.32 -23.33
C GLU A 504 7.11 11.38 -22.35
N VAL A 505 7.41 12.64 -22.62
CA VAL A 505 6.88 13.75 -21.81
C VAL A 505 5.57 14.27 -22.44
N LEU A 506 4.47 14.12 -21.70
CA LEU A 506 3.18 14.78 -21.98
C LEU A 506 3.26 15.89 -20.93
N SEP A 507 2.90 17.17 -21.15
CA SEP A 507 1.85 17.82 -21.93
CB SEP A 507 1.63 17.35 -23.38
OG SEP A 507 0.86 18.32 -24.09
C SEP A 507 0.58 17.83 -21.07
O SEP A 507 -0.23 16.91 -21.12
P SEP A 507 1.39 18.74 -25.56
O1P SEP A 507 3.00 18.68 -25.69
O2P SEP A 507 0.74 17.75 -26.68
O3P SEP A 507 0.91 20.24 -25.88
N TPO A 508 0.49 18.86 -20.24
CA TPO A 508 -0.64 19.03 -19.33
CB TPO A 508 -0.35 20.17 -18.37
CG2 TPO A 508 -1.54 20.43 -17.44
OG1 TPO A 508 0.77 19.77 -17.58
P TPO A 508 1.68 21.05 -17.23
O1P TPO A 508 1.03 21.75 -16.09
O2P TPO A 508 3.16 20.57 -16.82
O3P TPO A 508 1.77 22.01 -18.53
C TPO A 508 -1.95 19.27 -20.08
O TPO A 508 -2.01 20.10 -20.99
N ASP A 509 -2.98 18.52 -19.73
CA ASP A 509 -4.31 18.70 -20.31
C ASP A 509 -4.96 19.94 -19.67
N THR A 510 -5.21 20.98 -20.48
CA THR A 510 -5.67 22.28 -19.98
C THR A 510 -7.14 22.29 -19.47
N ASP A 511 -7.92 21.27 -19.84
CA ASP A 511 -9.34 21.17 -19.46
C ASP A 511 -9.58 21.18 -17.94
N GLU B 12 2.75 4.00 16.45
CA GLU B 12 2.02 4.74 15.41
C GLU B 12 2.69 4.63 14.05
N LEU B 13 1.90 4.60 12.99
CA LEU B 13 2.47 4.48 11.65
C LEU B 13 3.32 5.70 11.30
N GLU B 14 4.48 5.42 10.70
CA GLU B 14 5.38 6.45 10.22
C GLU B 14 4.72 7.24 9.09
N SER B 15 4.81 8.55 9.15
CA SER B 15 4.24 9.38 8.09
C SER B 15 5.33 9.65 7.05
N GLN B 16 4.97 9.54 5.76
CA GLN B 16 5.92 9.84 4.69
C GLN B 16 5.26 10.67 3.59
N PHE B 17 6.04 11.57 2.99
CA PHE B 17 5.54 12.39 1.89
C PHE B 17 6.68 12.87 0.98
N ILE B 18 6.33 13.37 -0.20
CA ILE B 18 7.33 13.83 -1.16
C ILE B 18 7.58 15.33 -1.00
N LEU B 19 8.84 15.72 -0.95
CA LEU B 19 9.22 17.12 -1.01
C LEU B 19 9.69 17.43 -2.42
N ARG B 20 9.08 18.43 -3.05
CA ARG B 20 9.51 18.84 -4.38
C ARG B 20 10.06 20.26 -4.32
N LEU B 21 11.29 20.43 -4.81
CA LEU B 21 11.93 21.73 -4.78
C LEU B 21 12.15 22.25 -6.21
N PRO B 22 12.25 23.58 -6.36
CA PRO B 22 12.67 24.09 -7.68
C PRO B 22 14.07 23.56 -7.95
N PRO B 23 14.38 23.25 -9.23
CA PRO B 23 15.58 22.50 -9.64
C PRO B 23 16.89 23.07 -9.10
N GLU B 24 17.06 24.39 -9.11
CA GLU B 24 18.26 25.02 -8.53
C GLU B 24 18.45 24.68 -7.05
N TYR B 25 17.35 24.66 -6.30
CA TYR B 25 17.42 24.38 -4.88
C TYR B 25 17.54 22.89 -4.62
N ALA B 26 16.90 22.11 -5.48
CA ALA B 26 16.97 20.65 -5.38
C ALA B 26 18.39 20.17 -5.52
N SER B 27 19.16 20.83 -6.39
CA SER B 27 20.56 20.45 -6.61
C SER B 27 21.40 20.68 -5.36
N THR B 28 21.19 21.84 -4.73
CA THR B 28 21.90 22.20 -3.51
C THR B 28 21.63 21.16 -2.43
N VAL B 29 20.36 20.88 -2.22
CA VAL B 29 19.94 19.91 -1.22
C VAL B 29 20.43 18.48 -1.51
N ARG B 30 20.35 18.04 -2.77
CA ARG B 30 20.79 16.69 -3.12
C ARG B 30 22.27 16.44 -2.78
N ARG B 31 23.14 17.40 -3.12
CA ARG B 31 24.54 17.30 -2.75
C ARG B 31 24.70 17.17 -1.24
N ALA B 32 23.91 17.95 -0.49
CA ALA B 32 23.94 17.87 0.97
C ALA B 32 23.50 16.51 1.51
N VAL B 33 22.41 15.95 0.95
CA VAL B 33 21.96 14.63 1.35
C VAL B 33 23.07 13.60 1.10
N GLN B 34 23.68 13.69 -0.09
CA GLN B 34 24.75 12.78 -0.48
C GLN B 34 26.03 12.88 0.34
N SER B 35 26.37 14.08 0.83
CA SER B 35 27.56 14.25 1.65
C SER B 35 27.31 13.65 3.02
N GLY B 36 26.05 13.66 3.44
CA GLY B 36 25.65 13.12 4.73
C GLY B 36 25.98 14.02 5.92
N HIS B 37 26.48 15.23 5.66
CA HIS B 37 26.82 16.14 6.75
C HIS B 37 25.65 16.43 7.69
N VAL B 38 25.93 16.41 8.99
CA VAL B 38 24.93 16.68 10.03
C VAL B 38 24.26 18.06 9.83
N ASN B 39 24.98 19.05 9.31
CA ASN B 39 24.42 20.40 9.24
C ASN B 39 23.27 20.58 8.23
N LEU B 40 22.95 19.51 7.51
CA LEU B 40 21.75 19.49 6.67
C LEU B 40 20.53 19.88 7.52
N LYS B 41 20.59 19.54 8.81
CA LYS B 41 19.49 19.86 9.72
C LYS B 41 19.26 21.36 9.89
N ASP B 42 20.30 22.17 9.70
CA ASP B 42 20.11 23.64 9.70
C ASP B 42 19.85 24.15 8.29
N ARG B 43 20.50 23.52 7.30
CA ARG B 43 20.44 23.98 5.91
C ARG B 43 19.08 23.75 5.25
N LEU B 44 18.27 22.85 5.82
CA LEU B 44 16.94 22.52 5.28
C LEU B 44 15.94 22.38 6.41
N THR B 45 14.95 23.28 6.45
CA THR B 45 13.91 23.22 7.47
C THR B 45 12.55 23.37 6.81
N ILE B 46 11.53 22.85 7.49
CA ILE B 46 10.18 22.88 7.00
C ILE B 46 9.28 23.49 8.07
N GLU B 47 8.47 24.46 7.66
CA GLU B 47 7.50 25.02 8.57
C GLU B 47 6.14 24.87 7.93
N LEU B 48 5.19 24.29 8.66
CA LEU B 48 3.83 24.16 8.17
C LEU B 48 2.95 25.15 8.91
N HIS B 49 2.14 25.90 8.17
CA HIS B 49 1.25 26.87 8.78
C HIS B 49 0.02 26.19 9.39
N PRO B 50 -0.68 26.89 10.30
CA PRO B 50 -1.85 26.31 10.99
C PRO B 50 -2.93 25.74 10.06
N ASP B 51 -3.09 26.25 8.85
CA ASP B 51 -4.16 25.75 7.96
C ASP B 51 -3.92 24.34 7.40
N GLY B 52 -2.74 23.79 7.62
CA GLY B 52 -2.42 22.44 7.15
C GLY B 52 -2.17 22.32 5.65
N ARG B 53 -2.13 23.43 4.94
CA ARG B 53 -1.94 23.38 3.50
C ARG B 53 -0.77 24.22 3.01
N HIS B 54 -0.47 25.32 3.70
CA HIS B 54 0.62 26.19 3.27
C HIS B 54 1.80 26.08 4.24
N GLY B 55 2.98 26.44 3.76
CA GLY B 55 4.16 26.34 4.59
C GLY B 55 5.33 27.02 3.95
N ILE B 56 6.50 26.91 4.61
CA ILE B 56 7.72 27.51 4.13
C ILE B 56 8.86 26.51 4.26
N VAL B 57 9.52 26.22 3.15
CA VAL B 57 10.72 25.41 3.21
C VAL B 57 11.92 26.35 3.08
N ARG B 58 12.92 26.16 3.95
CA ARG B 58 14.10 27.02 3.95
C ARG B 58 15.37 26.26 3.54
N VAL B 59 16.04 26.75 2.51
CA VAL B 59 17.28 26.14 2.04
C VAL B 59 18.36 27.19 2.29
N ASP B 60 19.30 26.87 3.18
CA ASP B 60 20.33 27.82 3.60
C ASP B 60 19.71 29.16 3.99
N ARG B 61 18.63 29.10 4.78
CA ARG B 61 17.89 30.27 5.25
C ARG B 61 16.99 30.98 4.21
N VAL B 62 17.00 30.51 2.97
CA VAL B 62 16.17 31.13 1.92
C VAL B 62 14.77 30.52 1.93
N PRO B 63 13.76 31.34 2.23
CA PRO B 63 12.39 30.84 2.38
C PRO B 63 11.70 30.61 1.04
N LEU B 64 11.14 29.42 0.85
CA LEU B 64 10.35 29.12 -0.35
C LEU B 64 8.89 28.89 0.02
N ALA B 65 7.98 29.64 -0.61
CA ALA B 65 6.55 29.44 -0.42
C ALA B 65 6.17 28.01 -0.76
N SER B 66 5.45 27.33 0.15
CA SER B 66 5.16 25.93 -0.09
C SER B 66 3.71 25.58 0.15
N LYS B 67 3.26 24.53 -0.54
CA LYS B 67 1.88 24.11 -0.54
C LYS B 67 1.85 22.59 -0.44
N LEU B 68 1.03 22.05 0.47
CA LEU B 68 0.87 20.59 0.59
C LEU B 68 -0.27 20.12 -0.30
N VAL B 69 0.04 19.31 -1.31
CA VAL B 69 -0.97 18.87 -2.28
C VAL B 69 -1.26 17.38 -2.21
N ASP B 70 -2.46 17.00 -2.66
CA ASP B 70 -2.93 15.62 -2.65
C ASP B 70 -2.70 14.90 -3.98
N LEU B 71 -1.81 13.91 -3.96
CA LEU B 71 -1.48 13.14 -5.15
C LEU B 71 -2.63 12.19 -5.51
N PRO B 72 -2.85 11.94 -6.81
CA PRO B 72 -3.96 11.09 -7.26
C PRO B 72 -3.70 9.59 -7.04
N CYS B 73 -2.47 9.14 -7.27
CA CYS B 73 -2.18 7.70 -7.14
C CYS B 73 -1.68 7.33 -5.77
N VAL B 74 -2.09 6.17 -5.26
CA VAL B 74 -1.44 5.69 -4.06
C VAL B 74 -0.03 5.24 -4.40
N MET B 75 0.91 5.64 -3.56
CA MET B 75 2.29 5.32 -3.76
C MET B 75 2.79 4.65 -2.49
N GLU B 76 3.53 3.55 -2.63
CA GLU B 76 4.09 2.84 -1.48
C GLU B 76 5.59 3.04 -1.48
N SER B 77 6.18 3.17 -0.29
CA SER B 77 7.63 3.00 -0.17
C SER B 77 7.88 1.61 0.38
N LEU B 78 8.80 0.89 -0.26
CA LEU B 78 9.12 -0.45 0.17
C LEU B 78 10.62 -0.58 0.44
N LYS B 79 10.97 -1.22 1.55
CA LYS B 79 12.37 -1.38 1.91
C LYS B 79 12.83 -2.79 1.58
N THR B 80 14.12 -2.94 1.32
CA THR B 80 14.64 -4.27 0.97
C THR B 80 16.07 -4.43 1.46
N ILE B 81 16.44 -5.68 1.75
CA ILE B 81 17.80 -6.00 2.14
C ILE B 81 18.51 -6.72 0.98
N ASP B 82 17.80 -7.65 0.33
CA ASP B 82 18.39 -8.46 -0.73
C ASP B 82 17.99 -8.04 -2.15
N LYS B 83 17.13 -7.02 -2.26
CA LYS B 83 16.64 -6.56 -3.57
C LYS B 83 15.71 -7.55 -4.31
N LYS B 84 15.23 -8.56 -3.59
CA LYS B 84 14.29 -9.52 -4.16
C LYS B 84 12.98 -9.58 -3.35
N THR B 85 13.10 -9.54 -2.03
CA THR B 85 11.93 -9.45 -1.15
C THR B 85 11.78 -8.02 -0.61
N PHE B 86 10.57 -7.48 -0.70
CA PHE B 86 10.33 -6.08 -0.32
C PHE B 86 9.27 -5.95 0.75
N TYR B 87 9.46 -5.01 1.68
CA TYR B 87 8.50 -4.80 2.78
C TYR B 87 7.94 -3.38 2.73
N LYS B 88 6.61 -3.26 2.73
CA LYS B 88 5.98 -1.95 2.68
C LYS B 88 6.24 -1.15 3.97
N THR B 89 6.79 0.05 3.85
CA THR B 89 6.97 0.87 5.04
C THR B 89 5.89 1.94 5.20
N ALA B 90 5.23 2.33 4.11
CA ALA B 90 4.26 3.42 4.18
C ALA B 90 3.41 3.58 2.93
N ASP B 91 2.23 4.21 3.09
CA ASP B 91 1.48 4.76 1.96
C ASP B 91 1.82 6.25 1.81
N ILE B 92 2.12 6.68 0.59
CA ILE B 92 2.41 8.08 0.32
C ILE B 92 1.34 8.64 -0.62
N CYS B 93 0.74 9.76 -0.23
CA CYS B 93 -0.36 10.29 -1.04
C CYS B 93 -0.33 11.82 -1.11
N GLN B 94 0.68 12.44 -0.50
CA GLN B 94 0.82 13.90 -0.52
C GLN B 94 2.23 14.37 -0.88
N MET B 95 2.30 15.60 -1.42
CA MET B 95 3.56 16.21 -1.82
C MET B 95 3.63 17.67 -1.34
N LEU B 96 4.76 18.04 -0.76
CA LEU B 96 4.98 19.42 -0.39
C LEU B 96 5.71 20.11 -1.52
N VAL B 97 5.04 21.06 -2.18
CA VAL B 97 5.60 21.68 -3.38
C VAL B 97 6.09 23.09 -3.07
N SER B 98 7.40 23.31 -3.19
CA SER B 98 8.00 24.61 -2.92
C SER B 98 8.27 25.36 -4.21
N THR B 99 7.91 26.64 -4.25
CA THR B 99 8.15 27.44 -5.44
C THR B 99 9.00 28.65 -5.08
N VAL B 100 9.55 29.31 -6.10
CA VAL B 100 10.42 30.46 -5.85
C VAL B 100 9.62 31.77 -5.68
N ASP B 101 8.42 31.81 -6.25
CA ASP B 101 7.49 32.90 -5.94
C ASP B 101 6.32 32.40 -5.11
N GLY B 102 5.49 33.33 -4.67
CA GLY B 102 4.31 32.99 -3.88
C GLY B 102 4.35 33.64 -2.52
N ASP B 103 3.16 33.80 -1.93
CA ASP B 103 3.02 34.31 -0.58
C ASP B 103 3.64 33.32 0.42
N LEU B 104 4.60 33.79 1.20
CA LEU B 104 5.13 33.00 2.30
C LEU B 104 4.06 32.79 3.39
N TYR B 105 3.21 33.82 3.57
CA TYR B 105 2.14 33.80 4.55
C TYR B 105 0.78 34.14 3.91
N PRO B 106 0.17 33.16 3.23
CA PRO B 106 -1.08 33.38 2.48
C PRO B 106 -2.26 33.60 3.42
N PRO B 107 -3.06 34.67 3.18
CA PRO B 107 -4.25 35.02 3.98
C PRO B 107 -5.22 33.85 4.19
N LYS B 129 -8.86 21.99 -3.20
CA LYS B 129 -9.21 22.01 -4.62
C LYS B 129 -8.02 22.51 -5.44
N LYS B 130 -7.51 23.66 -5.05
CA LYS B 130 -6.20 24.12 -5.49
C LYS B 130 -5.12 23.25 -4.83
N PHE B 131 -5.54 22.35 -3.94
CA PHE B 131 -4.63 21.41 -3.28
C PHE B 131 -4.73 20.02 -3.85
N ILE B 132 -5.45 19.89 -4.97
CA ILE B 132 -5.51 18.60 -5.64
C ILE B 132 -4.51 18.56 -6.79
N TRP B 133 -3.55 17.63 -6.70
CA TRP B 133 -2.57 17.46 -7.76
C TRP B 133 -3.15 16.53 -8.85
N ASN B 134 -2.92 16.86 -10.11
CA ASN B 134 -3.55 16.16 -11.23
C ASN B 134 -2.68 15.10 -11.87
N HIS B 135 -1.41 15.05 -11.49
CA HIS B 135 -0.47 14.16 -12.13
C HIS B 135 0.11 13.18 -11.14
N GLY B 136 0.42 11.98 -11.61
CA GLY B 136 1.26 11.09 -10.84
C GLY B 136 2.66 11.65 -10.83
N ILE B 137 3.53 11.07 -10.00
CA ILE B 137 4.94 11.44 -9.99
C ILE B 137 5.68 11.02 -11.27
N THR B 138 5.34 9.84 -11.79
CA THR B 138 6.06 9.28 -12.94
C THR B 138 5.50 9.79 -14.28
N LEU B 139 6.35 9.72 -15.31
CA LEU B 139 5.98 10.21 -16.64
C LEU B 139 4.64 9.70 -17.22
N PRO B 140 4.39 8.38 -17.18
CA PRO B 140 3.17 7.95 -17.89
C PRO B 140 1.89 8.35 -17.16
N LEU B 141 1.98 8.74 -15.91
CA LEU B 141 0.78 9.11 -15.16
C LEU B 141 0.50 10.59 -15.21
N LYS B 142 1.00 11.26 -16.25
CA LYS B 142 0.62 12.65 -16.51
C LYS B 142 -0.87 12.70 -16.77
N ASN B 143 -1.54 13.66 -16.15
CA ASN B 143 -2.99 13.79 -16.31
C ASN B 143 -3.78 12.54 -15.89
N VAL B 144 -3.29 11.76 -14.91
CA VAL B 144 -3.98 10.50 -14.54
C VAL B 144 -5.43 10.72 -14.21
N ARG B 145 -5.71 11.74 -13.40
CA ARG B 145 -7.07 12.00 -12.95
C ARG B 145 -8.03 12.19 -14.12
N LYS B 146 -7.61 12.98 -15.11
CA LYS B 146 -8.48 13.33 -16.23
C LYS B 146 -8.47 12.32 -17.36
N ARG B 147 -7.39 11.57 -17.54
CA ARG B 147 -7.26 10.71 -18.71
C ARG B 147 -7.29 9.21 -18.37
N ARG B 148 -6.85 8.83 -17.18
CA ARG B 148 -6.54 7.41 -16.95
C ARG B 148 -7.20 6.81 -15.72
N PHE B 149 -8.27 7.46 -15.26
CA PHE B 149 -9.02 7.01 -14.09
C PHE B 149 -10.47 6.91 -14.52
N ARG B 150 -10.99 5.69 -14.57
CA ARG B 150 -12.43 5.49 -14.73
C ARG B 150 -13.16 6.36 -13.69
N LYS B 151 -14.12 7.18 -14.14
CA LYS B 151 -14.85 8.04 -13.22
C LYS B 151 -16.13 7.36 -12.71
N THR B 152 -16.46 7.63 -11.46
CA THR B 152 -17.61 7.01 -10.81
C THR B 152 -18.96 7.54 -11.31
N ALA B 153 -19.88 6.62 -11.55
CA ALA B 153 -21.24 6.93 -11.98
C ALA B 153 -22.19 6.89 -10.77
N LYS B 154 -22.83 8.01 -10.44
CA LYS B 154 -23.73 8.08 -9.26
C LYS B 154 -25.10 7.41 -9.48
N LYS B 155 -25.84 7.22 -8.38
CA LYS B 155 -27.25 6.74 -8.39
C LYS B 155 -27.43 5.25 -8.72
C1 GOL C . 17.26 3.75 -4.53
O1 GOL C . 15.90 4.19 -4.63
C2 GOL C . 17.96 4.54 -3.41
O2 GOL C . 17.76 5.91 -3.71
C3 GOL C . 17.29 4.29 -2.07
O3 GOL C . 17.57 2.98 -1.61
C1 GOL D . -10.43 -1.52 -1.86
O1 GOL D . -11.19 -1.86 -2.99
C2 GOL D . -9.41 -0.47 -2.24
O2 GOL D . -9.64 0.68 -1.46
C3 GOL D . -8.00 -0.99 -1.99
O3 GOL D . -7.19 -0.48 -3.03
#